data_8S4K
#
_entry.id   8S4K
#
_cell.length_a   161.568
_cell.length_b   40.517
_cell.length_c   69.772
_cell.angle_alpha   90.00
_cell.angle_beta   100.40
_cell.angle_gamma   90.00
#
_symmetry.space_group_name_H-M   'C 1 2 1'
#
loop_
_entity.id
_entity.type
_entity.pdbx_description
1 polymer 'Fab-2B1 VH'
2 polymer 'Fab-2B1 VL'
3 non-polymer rocuronium
4 non-polymer '4-(2-HYDROXYETHYL)-1-PIPERAZINE ETHANESULFONIC ACID'
5 water water
#
loop_
_entity_poly.entity_id
_entity_poly.type
_entity_poly.pdbx_seq_one_letter_code
_entity_poly.pdbx_strand_id
1 'polypeptide(L)'
;EVQLQQSGAELARPGASVKLSCKASGYTLTTYGINWVKQRTGQGLEWIGEIYPRSDYTYYNEKFKAKATLTADKSSSTAY
MELRSLTSEDSAVYFCARGGVNSYTSHFDYWAQGTTLTVSSAKTTPPSVYPLAPGSAAQTNSMVTLGCLVKGYFPEPVTV
TWNSGSLSSGVHTFPAVLQSDLYTLSSSVTVPSSTWPSQTVTCNVAHPASSTKVDKKIVPRDCGCKPCICTVPEVS
;
H
2 'polypeptide(L)'
;DIVITQDELSNPVTSGESVSISCRSSKSLLYKDGKTYLNWFLQRPGQSPQLLIYLMSTRASGVSDRFSGSGSGTDFTLEI
SRVKAEDVGVYYCQQLVEYPYTFGGGTKLEIKRADAAPTVSIFPPSSEQLTSGGASVVCFLNNFYPKDINVKWKIDGSER
QNGVLNSWTDQDSKDSTYSMSSTLTLTKDEYERHNSYTCEATHKTSTSPIVKSFNRNEC
;
L
#
loop_
_chem_comp.id
_chem_comp.type
_chem_comp.name
_chem_comp.formula
EPE non-polymer '4-(2-HYDROXYETHYL)-1-PIPERAZINE ETHANESULFONIC ACID' 'C8 H18 N2 O4 S'
RBR non-polymer rocuronium 'C32 H53 N2 O4 1'
#
# COMPACT_ATOMS: atom_id res chain seq x y z
N LEU A 4 -3.07 13.14 13.53
CA LEU A 4 -3.93 12.05 14.07
C LEU A 4 -3.09 10.78 14.05
N GLN A 5 -3.18 9.94 15.09
CA GLN A 5 -2.43 8.68 15.19
C GLN A 5 -3.42 7.56 15.52
N GLN A 6 -3.27 6.41 14.87
CA GLN A 6 -4.21 5.29 15.15
C GLN A 6 -3.57 4.17 15.98
N SER A 7 -4.42 3.36 16.63
CA SER A 7 -4.04 2.11 17.31
C SER A 7 -3.43 1.08 16.34
N GLY A 8 -2.72 0.08 16.87
CA GLY A 8 -2.02 -0.98 16.13
C GLY A 8 -2.98 -2.00 15.53
N ALA A 9 -2.45 -2.83 14.63
CA ALA A 9 -3.14 -3.86 13.84
C ALA A 9 -3.90 -4.81 14.77
N GLU A 10 -5.02 -5.32 14.30
CA GLU A 10 -5.92 -6.18 15.11
C GLU A 10 -6.26 -7.45 14.33
N LEU A 11 -6.31 -8.56 15.07
CA LEU A 11 -6.94 -9.81 14.61
C LEU A 11 -8.18 -10.02 15.48
N ALA A 12 -9.31 -10.33 14.88
CA ALA A 12 -10.56 -10.62 15.63
C ALA A 12 -11.23 -11.87 15.07
N ARG A 13 -11.94 -12.62 15.92
CA ARG A 13 -12.75 -13.81 15.55
C ARG A 13 -14.07 -13.36 14.93
N PRO A 14 -14.64 -14.12 13.96
CA PRO A 14 -16.00 -13.88 13.49
C PRO A 14 -16.99 -13.83 14.66
N GLY A 15 -17.84 -12.80 14.75
CA GLY A 15 -18.81 -12.61 15.84
C GLY A 15 -18.33 -11.68 16.95
N ALA A 16 -17.01 -11.48 17.09
CA ALA A 16 -16.44 -10.66 18.17
C ALA A 16 -16.65 -9.18 17.85
N SER A 17 -16.21 -8.34 18.77
CA SER A 17 -16.17 -6.86 18.66
C SER A 17 -14.72 -6.40 18.74
N VAL A 18 -14.40 -5.28 18.11
CA VAL A 18 -13.10 -4.61 18.33
C VAL A 18 -13.40 -3.14 18.52
N LYS A 19 -12.49 -2.43 19.18
CA LYS A 19 -12.60 -0.97 19.40
C LYS A 19 -11.30 -0.34 18.93
N LEU A 20 -11.36 0.41 17.83
CA LEU A 20 -10.18 1.12 17.29
C LEU A 20 -10.11 2.51 17.89
N SER A 21 -8.91 3.05 18.02
CA SER A 21 -8.71 4.41 18.56
C SER A 21 -7.98 5.29 17.55
N CYS A 22 -8.24 6.58 17.69
CA CYS A 22 -7.73 7.69 16.87
C CYS A 22 -7.45 8.85 17.81
N LYS A 23 -6.18 9.11 18.10
CA LYS A 23 -5.74 10.19 19.01
C LYS A 23 -5.39 11.45 18.21
N ALA A 24 -5.93 12.60 18.63
CA ALA A 24 -5.72 13.91 17.96
C ALA A 24 -4.65 14.72 18.73
N LEU A 29 -10.59 18.62 18.83
CA LEU A 29 -11.92 17.97 19.01
C LEU A 29 -12.93 18.96 19.61
N THR A 30 -12.48 20.15 20.02
CA THR A 30 -13.36 21.25 20.49
C THR A 30 -14.12 21.82 19.29
N THR A 31 -13.47 22.06 18.14
CA THR A 31 -14.16 22.59 16.91
C THR A 31 -14.33 21.47 15.88
N TYR A 32 -13.29 20.67 15.66
CA TYR A 32 -13.26 19.71 14.52
C TYR A 32 -13.92 18.41 14.95
N GLY A 33 -14.35 17.66 13.95
CA GLY A 33 -14.86 16.31 14.12
C GLY A 33 -13.84 15.29 13.70
N ILE A 34 -14.24 14.03 13.81
CA ILE A 34 -13.46 12.86 13.35
C ILE A 34 -14.34 12.01 12.46
N ASN A 35 -13.81 11.68 11.30
CA ASN A 35 -14.44 10.77 10.32
C ASN A 35 -13.71 9.43 10.34
N TRP A 36 -14.44 8.36 10.13
CA TRP A 36 -13.86 7.02 9.90
C TRP A 36 -14.15 6.55 8.47
N VAL A 37 -13.17 5.94 7.86
CA VAL A 37 -13.17 5.55 6.43
C VAL A 37 -12.63 4.12 6.34
N LYS A 38 -13.26 3.29 5.54
CA LYS A 38 -12.83 1.89 5.30
C LYS A 38 -12.20 1.76 3.92
N GLN A 39 -11.12 0.98 3.80
CA GLN A 39 -10.49 0.67 2.48
C GLN A 39 -10.09 -0.81 2.46
N ARG A 40 -10.67 -1.62 1.56
CA ARG A 40 -10.17 -3.01 1.34
C ARG A 40 -8.98 -3.00 0.36
N THR A 41 -8.02 -3.92 0.56
CA THR A 41 -6.76 -4.04 -0.21
C THR A 41 -7.11 -3.93 -1.69
N GLY A 42 -6.48 -2.97 -2.38
CA GLY A 42 -6.61 -2.75 -3.84
C GLY A 42 -7.96 -2.14 -4.24
N GLN A 43 -8.81 -1.76 -3.29
CA GLN A 43 -10.14 -1.15 -3.58
C GLN A 43 -10.13 0.31 -3.10
N GLY A 44 -11.25 1.02 -3.26
CA GLY A 44 -11.34 2.46 -2.92
C GLY A 44 -11.87 2.66 -1.52
N LEU A 45 -12.57 3.75 -1.31
CA LEU A 45 -12.79 4.31 0.03
C LEU A 45 -14.29 4.36 0.31
N GLU A 46 -14.66 4.05 1.54
CA GLU A 46 -16.06 4.05 1.98
C GLU A 46 -16.16 4.80 3.30
N TRP A 47 -17.10 5.74 3.42
CA TRP A 47 -17.25 6.55 4.66
C TRP A 47 -18.13 5.80 5.66
N ILE A 48 -17.68 5.67 6.90
CA ILE A 48 -18.45 4.91 7.94
C ILE A 48 -19.34 5.88 8.72
N GLY A 49 -18.77 6.98 9.17
CA GLY A 49 -19.47 7.90 10.06
C GLY A 49 -18.58 9.00 10.60
N GLU A 50 -19.20 9.96 11.26
CA GLU A 50 -18.48 11.10 11.88
C GLU A 50 -18.99 11.31 13.31
N ILE A 51 -18.12 11.86 14.14
CA ILE A 51 -18.47 12.39 15.49
C ILE A 51 -17.86 13.77 15.63
N TYR A 52 -18.62 14.73 16.13
CA TYR A 52 -18.15 16.08 16.54
C TYR A 52 -18.28 16.13 18.06
N PRO A 53 -17.23 15.75 18.82
CA PRO A 53 -17.34 15.58 20.27
C PRO A 53 -17.82 16.86 20.99
N ARG A 54 -17.42 18.04 20.50
CA ARG A 54 -17.84 19.36 21.05
C ARG A 54 -19.33 19.34 21.35
N SER A 55 -20.17 18.93 20.38
CA SER A 55 -21.65 19.02 20.46
C SER A 55 -22.28 17.61 20.55
N ASP A 56 -21.48 16.60 20.89
CA ASP A 56 -21.88 15.17 21.04
C ASP A 56 -22.67 14.70 19.80
N TYR A 57 -22.37 15.26 18.64
CA TYR A 57 -23.07 14.97 17.37
C TYR A 57 -22.39 13.79 16.69
N THR A 58 -23.16 12.78 16.29
CA THR A 58 -22.69 11.66 15.43
C THR A 58 -23.64 11.53 14.24
N TYR A 59 -23.11 11.02 13.13
CA TYR A 59 -23.89 10.68 11.93
C TYR A 59 -23.22 9.47 11.27
N TYR A 60 -24.01 8.47 10.93
CA TYR A 60 -23.54 7.18 10.38
C TYR A 60 -24.00 7.04 8.94
N ASN A 61 -23.15 6.44 8.12
CA ASN A 61 -23.57 5.80 6.87
C ASN A 61 -24.58 4.71 7.26
N GLU A 62 -25.80 4.72 6.68
CA GLU A 62 -26.87 3.74 7.02
C GLU A 62 -26.31 2.32 6.86
N LYS A 63 -25.43 2.07 5.89
CA LYS A 63 -24.77 0.75 5.66
C LYS A 63 -24.06 0.25 6.94
N PHE A 64 -23.54 1.15 7.78
CA PHE A 64 -22.68 0.82 8.96
C PHE A 64 -23.44 1.03 10.27
N LYS A 65 -24.70 1.46 10.21
CA LYS A 65 -25.53 1.81 11.39
C LYS A 65 -25.52 0.67 12.41
N ALA A 66 -25.71 -0.57 11.98
CA ALA A 66 -25.79 -1.78 12.86
C ALA A 66 -24.40 -2.37 13.15
N LYS A 67 -23.33 -1.81 12.57
CA LYS A 67 -21.96 -2.37 12.63
C LYS A 67 -21.08 -1.53 13.58
N ALA A 68 -21.17 -0.21 13.50
CA ALA A 68 -20.21 0.75 14.07
C ALA A 68 -20.86 1.58 15.17
N THR A 69 -20.12 1.85 16.25
CA THR A 69 -20.45 2.86 17.29
C THR A 69 -19.26 3.79 17.46
N LEU A 70 -19.50 5.09 17.28
CA LEU A 70 -18.47 6.15 17.43
C LEU A 70 -18.66 6.81 18.78
N THR A 71 -17.58 6.93 19.53
CA THR A 71 -17.49 7.67 20.81
C THR A 71 -16.20 8.48 20.84
N ALA A 72 -16.03 9.32 21.86
CA ALA A 72 -14.81 10.13 22.01
C ALA A 72 -14.57 10.40 23.50
N ASP A 73 -13.30 10.36 23.92
CA ASP A 73 -12.88 10.84 25.25
C ASP A 73 -12.28 12.25 25.05
N LYS A 74 -13.06 13.27 25.34
CA LYS A 74 -12.63 14.69 25.19
C LYS A 74 -11.33 15.00 25.96
N SER A 75 -11.17 14.49 27.19
CA SER A 75 -9.99 14.72 28.06
C SER A 75 -8.68 14.27 27.40
N SER A 76 -8.69 13.11 26.74
CA SER A 76 -7.48 12.49 26.11
C SER A 76 -7.44 12.78 24.60
N SER A 77 -8.36 13.62 24.12
CA SER A 77 -8.63 13.93 22.69
C SER A 77 -8.49 12.68 21.83
N THR A 78 -9.17 11.60 22.22
CA THR A 78 -9.16 10.30 21.52
C THR A 78 -10.57 9.98 21.04
N ALA A 79 -10.70 9.56 19.79
CA ALA A 79 -11.97 9.06 19.24
C ALA A 79 -11.85 7.55 19.11
N TYR A 80 -12.98 6.84 19.24
CA TYR A 80 -13.09 5.38 19.17
C TYR A 80 -14.19 4.98 18.19
N MET A 81 -13.94 3.88 17.52
CA MET A 81 -14.97 3.19 16.70
C MET A 81 -15.02 1.74 17.13
N GLU A 82 -16.15 1.31 17.64
CA GLU A 82 -16.37 -0.11 17.99
C GLU A 82 -17.11 -0.76 16.82
N LEU A 83 -16.56 -1.84 16.30
CA LEU A 83 -17.19 -2.64 15.23
C LEU A 83 -17.64 -3.96 15.87
N ARG A 84 -18.93 -4.28 15.74
CA ARG A 84 -19.60 -5.45 16.37
C ARG A 84 -19.97 -6.49 15.29
N SER A 85 -20.25 -7.72 15.73
CA SER A 85 -20.74 -8.86 14.92
C SER A 85 -19.84 -9.03 13.70
N LEU A 86 -18.54 -9.16 13.94
CA LEU A 86 -17.51 -9.08 12.88
C LEU A 86 -17.60 -10.29 11.94
N THR A 87 -17.36 -10.02 10.67
CA THR A 87 -17.39 -10.98 9.54
C THR A 87 -16.14 -10.78 8.68
N SER A 88 -15.84 -11.74 7.82
CA SER A 88 -14.74 -11.65 6.83
C SER A 88 -14.81 -10.33 6.05
N GLU A 89 -16.01 -9.83 5.75
CA GLU A 89 -16.20 -8.59 4.94
C GLU A 89 -15.77 -7.33 5.72
N ASP A 90 -15.55 -7.42 7.04
CA ASP A 90 -15.07 -6.29 7.87
C ASP A 90 -13.54 -6.22 7.83
N SER A 91 -12.86 -7.20 7.24
CA SER A 91 -11.38 -7.17 7.10
C SER A 91 -11.06 -5.99 6.17
N ALA A 92 -10.23 -5.06 6.62
CA ALA A 92 -9.93 -3.83 5.84
C ALA A 92 -8.91 -3.03 6.62
N VAL A 93 -8.43 -1.96 6.00
CA VAL A 93 -7.73 -0.85 6.66
C VAL A 93 -8.79 0.18 7.01
N TYR A 94 -8.79 0.62 8.26
CA TYR A 94 -9.66 1.72 8.75
C TYR A 94 -8.80 2.95 9.02
N PHE A 95 -9.19 4.09 8.45
CA PHE A 95 -8.54 5.40 8.68
C PHE A 95 -9.44 6.31 9.52
N CYS A 96 -8.85 7.20 10.29
CA CYS A 96 -9.57 8.41 10.76
C CYS A 96 -9.00 9.63 10.09
N ALA A 97 -9.85 10.62 9.94
CA ALA A 97 -9.48 11.92 9.32
C ALA A 97 -10.31 13.01 9.96
N ARG A 98 -9.79 14.22 9.96
CA ARG A 98 -10.46 15.36 10.61
C ARG A 98 -11.72 15.75 9.82
N GLY A 99 -12.76 16.19 10.52
CA GLY A 99 -14.02 16.66 9.93
C GLY A 99 -14.19 18.15 10.16
N GLY A 100 -14.52 18.88 9.08
CA GLY A 100 -14.60 20.35 9.12
C GLY A 100 -16.01 20.86 9.42
N VAL A 101 -16.15 22.19 9.39
CA VAL A 101 -17.42 22.87 9.77
C VAL A 101 -17.81 23.82 8.61
N ASN A 102 -18.62 23.31 7.69
CA ASN A 102 -19.24 24.08 6.58
C ASN A 102 -18.13 24.80 5.79
N SER A 103 -18.27 26.10 5.48
CA SER A 103 -17.33 26.88 4.63
C SER A 103 -16.16 27.43 5.45
N TYR A 104 -16.14 27.22 6.77
CA TYR A 104 -15.26 27.94 7.71
C TYR A 104 -13.93 27.23 7.90
N THR A 105 -13.82 25.95 7.53
CA THR A 105 -12.58 25.17 7.77
C THR A 105 -12.27 24.30 6.55
N SER A 106 -11.08 23.67 6.58
CA SER A 106 -10.70 22.51 5.76
C SER A 106 -11.53 21.26 6.18
N HIS A 107 -11.51 20.24 5.33
CA HIS A 107 -12.29 18.99 5.48
C HIS A 107 -11.38 17.81 5.20
N PHE A 108 -11.44 16.75 6.02
CA PHE A 108 -10.61 15.54 5.77
C PHE A 108 -9.15 15.94 5.55
N ASP A 109 -8.62 16.87 6.35
CA ASP A 109 -7.32 17.53 6.04
C ASP A 109 -6.12 16.85 6.70
N TYR A 110 -6.32 16.02 7.71
CA TYR A 110 -5.25 15.26 8.40
C TYR A 110 -5.84 13.89 8.60
N TRP A 111 -5.16 12.87 8.07
CA TRP A 111 -5.50 11.43 8.12
C TRP A 111 -4.44 10.76 8.96
N ALA A 112 -4.83 9.85 9.84
CA ALA A 112 -3.86 8.96 10.51
C ALA A 112 -3.35 7.88 9.54
N GLN A 113 -2.43 7.02 10.00
CA GLN A 113 -1.75 5.99 9.18
C GLN A 113 -2.66 4.79 8.87
N GLY A 114 -3.80 4.67 9.53
CA GLY A 114 -4.70 3.50 9.38
C GLY A 114 -4.41 2.37 10.35
N THR A 115 -5.42 1.56 10.61
CA THR A 115 -5.33 0.29 11.37
C THR A 115 -5.80 -0.86 10.47
N THR A 116 -4.97 -1.88 10.32
CA THR A 116 -5.31 -3.13 9.59
C THR A 116 -6.09 -4.05 10.54
N LEU A 117 -7.35 -4.32 10.19
CA LEU A 117 -8.21 -5.27 10.90
C LEU A 117 -8.38 -6.52 10.03
N THR A 118 -8.06 -7.67 10.60
CA THR A 118 -8.33 -8.97 9.99
C THR A 118 -9.36 -9.70 10.85
N VAL A 119 -10.44 -10.16 10.23
CA VAL A 119 -11.43 -11.07 10.87
C VAL A 119 -11.22 -12.47 10.33
N SER A 120 -10.86 -13.39 11.22
CA SER A 120 -10.46 -14.77 10.85
C SER A 120 -10.51 -15.71 12.06
N SER A 121 -10.73 -16.99 11.77
CA SER A 121 -10.61 -18.11 12.74
C SER A 121 -9.16 -18.59 12.82
N ALA A 122 -8.32 -18.26 11.83
CA ALA A 122 -6.90 -18.69 11.73
C ALA A 122 -6.12 -18.10 12.92
N LYS A 123 -5.09 -18.83 13.33
CA LYS A 123 -4.25 -18.48 14.50
C LYS A 123 -3.19 -17.46 14.03
N THR A 124 -2.83 -16.55 14.90
CA THR A 124 -1.64 -15.69 14.71
C THR A 124 -0.41 -16.57 14.57
N THR A 125 0.43 -16.30 13.58
CA THR A 125 1.69 -17.02 13.31
C THR A 125 2.75 -15.96 13.04
N PRO A 126 3.87 -15.93 13.80
CA PRO A 126 4.95 -15.00 13.52
C PRO A 126 5.65 -15.36 12.23
N PRO A 127 6.35 -14.40 11.59
CA PRO A 127 7.10 -14.69 10.37
C PRO A 127 8.38 -15.50 10.60
N SER A 128 8.73 -16.40 9.68
CA SER A 128 10.07 -16.97 9.52
C SER A 128 10.81 -16.00 8.61
N VAL A 129 11.97 -15.53 9.02
CA VAL A 129 12.73 -14.53 8.21
C VAL A 129 14.00 -15.21 7.76
N TYR A 130 14.20 -15.31 6.46
CA TYR A 130 15.34 -16.01 5.88
C TYR A 130 16.20 -15.02 5.12
N PRO A 131 17.53 -15.11 5.27
CA PRO A 131 18.45 -14.17 4.63
C PRO A 131 18.63 -14.55 3.15
N LEU A 132 18.72 -13.52 2.30
CA LEU A 132 19.01 -13.69 0.84
C LEU A 132 20.37 -13.05 0.57
N ALA A 133 21.42 -13.87 0.52
CA ALA A 133 22.83 -13.47 0.33
C ALA A 133 23.35 -14.06 -0.98
N PRO A 134 24.27 -13.38 -1.70
CA PRO A 134 25.07 -14.07 -2.73
C PRO A 134 26.25 -14.88 -2.13
N SER A 142 29.50 -3.16 -9.51
CA SER A 142 29.77 -2.11 -8.49
C SER A 142 28.70 -2.09 -7.38
N MET A 143 27.50 -2.67 -7.63
CA MET A 143 26.40 -2.72 -6.64
C MET A 143 26.09 -4.19 -6.32
N VAL A 144 25.68 -4.48 -5.10
CA VAL A 144 25.28 -5.85 -4.67
C VAL A 144 23.83 -5.74 -4.15
N THR A 145 22.99 -6.72 -4.47
CA THR A 145 21.61 -6.82 -3.96
C THR A 145 21.54 -7.93 -2.91
N LEU A 146 20.99 -7.60 -1.75
CA LEU A 146 20.72 -8.54 -0.65
C LEU A 146 19.21 -8.55 -0.43
N GLY A 147 18.70 -9.47 0.37
CA GLY A 147 17.30 -9.38 0.73
C GLY A 147 16.95 -10.22 1.92
N CYS A 148 15.68 -10.17 2.25
CA CYS A 148 15.09 -11.04 3.30
C CYS A 148 13.74 -11.54 2.82
N LEU A 149 13.55 -12.85 3.02
CA LEU A 149 12.30 -13.55 2.68
C LEU A 149 11.52 -13.70 3.98
N VAL A 150 10.30 -13.20 4.00
CA VAL A 150 9.42 -13.15 5.19
C VAL A 150 8.27 -14.09 4.91
N LYS A 151 8.31 -15.27 5.54
CA LYS A 151 7.42 -16.35 5.13
C LYS A 151 6.58 -16.88 6.31
N GLY A 152 5.31 -17.18 6.02
CA GLY A 152 4.46 -18.03 6.88
C GLY A 152 3.85 -17.26 8.02
N TYR A 153 3.53 -15.98 7.82
CA TYR A 153 2.96 -15.17 8.93
C TYR A 153 1.46 -14.94 8.70
N PHE A 154 0.80 -14.60 9.80
CA PHE A 154 -0.65 -14.31 9.80
C PHE A 154 -0.93 -13.56 11.08
N PRO A 155 -1.74 -12.48 11.07
CA PRO A 155 -2.24 -11.82 9.86
C PRO A 155 -1.27 -10.74 9.36
N GLU A 156 -1.69 -10.00 8.33
CA GLU A 156 -1.06 -8.69 7.99
C GLU A 156 -1.21 -7.72 9.16
N PRO A 157 -0.39 -6.64 9.26
CA PRO A 157 0.77 -6.41 8.40
C PRO A 157 2.12 -6.83 9.00
N VAL A 158 3.18 -6.80 8.22
CA VAL A 158 4.57 -6.72 8.73
C VAL A 158 5.16 -5.36 8.31
N THR A 159 6.11 -4.88 9.08
CA THR A 159 6.93 -3.68 8.73
C THR A 159 8.37 -4.13 8.55
N VAL A 160 8.95 -3.86 7.38
CA VAL A 160 10.35 -4.26 7.12
C VAL A 160 11.19 -2.99 7.07
N THR A 161 12.31 -2.99 7.80
CA THR A 161 13.32 -1.94 7.68
C THR A 161 14.66 -2.62 7.49
N TRP A 162 15.65 -1.83 7.13
CA TRP A 162 17.04 -2.26 6.95
C TRP A 162 17.90 -1.40 7.86
N ASN A 163 18.75 -2.03 8.66
CA ASN A 163 19.61 -1.32 9.65
C ASN A 163 18.75 -0.35 10.46
N SER A 164 17.60 -0.82 10.94
CA SER A 164 16.67 -0.05 11.79
C SER A 164 16.22 1.24 11.10
N GLY A 165 16.18 1.26 9.77
CA GLY A 165 15.68 2.44 9.03
C GLY A 165 16.80 3.33 8.54
N SER A 166 18.05 3.08 8.90
CA SER A 166 19.19 3.93 8.44
C SER A 166 19.54 3.61 6.98
N LEU A 167 19.18 2.42 6.49
CA LEU A 167 19.36 2.04 5.06
C LEU A 167 17.97 2.12 4.40
N SER A 168 17.70 3.16 3.61
CA SER A 168 16.34 3.41 3.04
C SER A 168 16.43 3.61 1.53
N SER A 169 17.54 4.15 1.01
CA SER A 169 17.80 4.22 -0.46
C SER A 169 17.94 2.78 -1.00
N GLY A 170 17.41 2.52 -2.18
CA GLY A 170 17.73 1.24 -2.80
C GLY A 170 17.00 0.08 -2.10
N VAL A 171 15.95 0.37 -1.32
CA VAL A 171 15.09 -0.69 -0.72
C VAL A 171 13.85 -0.92 -1.60
N HIS A 172 13.50 -2.17 -1.84
CA HIS A 172 12.19 -2.55 -2.42
C HIS A 172 11.50 -3.53 -1.50
N THR A 173 10.36 -3.16 -0.93
CA THR A 173 9.57 -4.14 -0.14
C THR A 173 8.29 -4.44 -0.90
N PHE A 174 8.02 -5.71 -1.18
CA PHE A 174 6.93 -6.10 -2.09
C PHE A 174 5.67 -6.37 -1.28
N PRO A 175 4.49 -6.11 -1.90
CA PRO A 175 3.22 -6.55 -1.32
C PRO A 175 3.19 -8.04 -0.98
N ALA A 176 2.57 -8.40 0.16
CA ALA A 176 2.42 -9.82 0.57
C ALA A 176 1.46 -10.54 -0.37
N VAL A 177 1.69 -11.83 -0.54
CA VAL A 177 0.74 -12.78 -1.17
C VAL A 177 0.31 -13.81 -0.12
N LEU A 178 -0.92 -14.29 -0.26
CA LEU A 178 -1.58 -15.21 0.70
C LEU A 178 -1.68 -16.59 0.05
N GLN A 179 -1.00 -17.60 0.62
CA GLN A 179 -0.93 -19.00 0.12
C GLN A 179 -1.19 -19.93 1.31
N SER A 180 -2.19 -20.81 1.19
CA SER A 180 -2.61 -21.76 2.25
C SER A 180 -2.75 -21.03 3.60
N ASP A 181 -3.43 -19.87 3.60
CA ASP A 181 -3.82 -19.11 4.82
C ASP A 181 -2.59 -18.47 5.49
N LEU A 182 -1.45 -18.37 4.80
CA LEU A 182 -0.25 -17.69 5.34
C LEU A 182 0.30 -16.69 4.32
N TYR A 183 0.81 -15.59 4.83
CA TYR A 183 1.37 -14.52 3.97
C TYR A 183 2.87 -14.71 3.78
N THR A 184 3.35 -14.26 2.62
CA THR A 184 4.78 -14.23 2.30
C THR A 184 5.06 -12.93 1.55
N LEU A 185 6.18 -12.32 1.90
CA LEU A 185 6.71 -11.17 1.13
C LEU A 185 8.23 -11.22 1.19
N SER A 186 8.86 -10.42 0.32
CA SER A 186 10.32 -10.26 0.31
CA SER A 186 10.33 -10.27 0.33
C SER A 186 10.64 -8.78 0.24
N SER A 187 11.83 -8.46 0.69
CA SER A 187 12.40 -7.11 0.63
C SER A 187 13.82 -7.23 0.12
N SER A 188 14.20 -6.36 -0.80
CA SER A 188 15.59 -6.29 -1.32
C SER A 188 16.19 -4.95 -0.91
N VAL A 189 17.50 -4.94 -0.78
CA VAL A 189 18.27 -3.69 -0.63
C VAL A 189 19.52 -3.80 -1.49
N THR A 190 19.92 -2.71 -2.11
CA THR A 190 21.08 -2.65 -3.01
C THR A 190 22.04 -1.61 -2.47
N VAL A 191 23.29 -2.03 -2.28
CA VAL A 191 24.32 -1.16 -1.67
C VAL A 191 25.57 -1.27 -2.53
N PRO A 192 26.51 -0.32 -2.44
CA PRO A 192 27.77 -0.48 -3.15
C PRO A 192 28.54 -1.74 -2.70
N SER A 193 29.09 -2.49 -3.67
CA SER A 193 29.70 -3.83 -3.48
C SER A 193 30.86 -3.77 -2.50
N SER A 194 31.62 -2.67 -2.55
CA SER A 194 32.77 -2.47 -1.63
C SER A 194 32.30 -2.35 -0.17
N THR A 195 31.01 -2.13 0.13
CA THR A 195 30.52 -1.84 1.51
C THR A 195 29.91 -3.08 2.19
N TRP A 196 29.81 -4.20 1.49
CA TRP A 196 29.27 -5.44 2.09
C TRP A 196 30.22 -6.59 1.76
N PRO A 197 30.64 -7.44 2.73
CA PRO A 197 30.14 -7.39 4.11
C PRO A 197 30.81 -6.44 5.14
N SER A 198 31.76 -5.63 4.71
CA SER A 198 32.56 -4.72 5.59
C SER A 198 31.67 -3.82 6.44
N GLN A 199 30.57 -3.30 5.87
CA GLN A 199 29.57 -2.46 6.58
C GLN A 199 28.24 -3.23 6.65
N THR A 200 27.82 -3.65 7.84
CA THR A 200 26.81 -4.73 8.02
C THR A 200 25.46 -4.23 7.50
N VAL A 201 24.70 -5.19 7.03
CA VAL A 201 23.32 -5.02 6.49
C VAL A 201 22.43 -6.04 7.17
N THR A 202 21.38 -5.57 7.83
CA THR A 202 20.45 -6.37 8.66
C THR A 202 19.03 -5.97 8.30
N CYS A 203 18.18 -6.94 8.01
CA CYS A 203 16.75 -6.66 7.86
C CYS A 203 16.06 -6.80 9.22
N ASN A 204 15.10 -5.93 9.49
CA ASN A 204 14.29 -5.93 10.74
C ASN A 204 12.85 -6.10 10.31
N VAL A 205 12.21 -7.16 10.80
CA VAL A 205 10.81 -7.50 10.43
C VAL A 205 9.94 -7.45 11.68
N ALA A 206 9.03 -6.49 11.75
CA ALA A 206 8.12 -6.33 12.91
C ALA A 206 6.77 -6.92 12.53
N HIS A 207 6.20 -7.75 13.40
CA HIS A 207 4.87 -8.36 13.18
C HIS A 207 3.99 -8.01 14.36
N PRO A 208 3.26 -6.88 14.30
CA PRO A 208 2.52 -6.39 15.47
C PRO A 208 1.58 -7.40 16.09
N ALA A 209 0.85 -8.13 15.25
CA ALA A 209 -0.21 -9.06 15.69
C ALA A 209 0.37 -10.15 16.58
N SER A 210 1.63 -10.58 16.40
CA SER A 210 2.26 -11.67 17.19
C SER A 210 3.19 -11.07 18.27
N SER A 211 3.31 -9.75 18.32
CA SER A 211 4.19 -9.04 19.29
C SER A 211 5.63 -9.46 19.09
N THR A 212 6.06 -9.67 17.83
CA THR A 212 7.38 -10.28 17.51
C THR A 212 8.13 -9.34 16.56
N LYS A 213 9.44 -9.17 16.75
CA LYS A 213 10.31 -8.49 15.75
C LYS A 213 11.53 -9.36 15.55
N VAL A 214 11.90 -9.62 14.29
CA VAL A 214 13.07 -10.50 14.01
C VAL A 214 14.08 -9.68 13.22
N ASP A 215 15.34 -9.74 13.59
CA ASP A 215 16.44 -9.10 12.84
C ASP A 215 17.29 -10.22 12.28
N LYS A 216 17.63 -10.10 11.00
CA LYS A 216 18.50 -11.09 10.36
C LYS A 216 19.65 -10.34 9.70
N LYS A 217 20.86 -10.57 10.19
CA LYS A 217 22.08 -9.97 9.58
C LYS A 217 22.41 -10.79 8.34
N ILE A 218 22.67 -10.13 7.20
CA ILE A 218 22.95 -10.85 5.95
C ILE A 218 24.45 -11.07 5.86
N VAL A 219 24.86 -12.34 5.91
CA VAL A 219 26.31 -12.67 5.87
C VAL A 219 26.55 -13.50 4.62
N PRO A 220 27.78 -13.47 4.05
CA PRO A 220 28.06 -14.21 2.82
C PRO A 220 27.85 -15.73 3.02
N ARG A 221 27.35 -16.41 1.99
CA ARG A 221 26.96 -17.84 2.12
C ARG A 221 28.19 -18.69 2.48
N ASP B 1 -28.24 7.76 -2.18
CA ASP B 1 -26.80 8.09 -2.02
C ASP B 1 -26.30 8.70 -3.33
N ILE B 2 -25.45 9.71 -3.25
CA ILE B 2 -24.86 10.33 -4.46
C ILE B 2 -23.76 9.40 -4.94
N VAL B 3 -23.80 9.08 -6.23
CA VAL B 3 -22.77 8.25 -6.89
C VAL B 3 -21.76 9.21 -7.51
N ILE B 4 -20.48 8.90 -7.31
CA ILE B 4 -19.36 9.71 -7.82
C ILE B 4 -18.58 8.82 -8.78
N THR B 5 -18.31 9.31 -9.99
CA THR B 5 -17.69 8.53 -11.08
C THR B 5 -16.46 9.28 -11.58
N GLN B 6 -15.32 8.61 -11.57
CA GLN B 6 -14.07 9.14 -12.12
C GLN B 6 -13.75 8.41 -13.41
N ASP B 7 -13.08 9.13 -14.28
CA ASP B 7 -12.56 8.60 -15.54
C ASP B 7 -11.10 8.21 -15.35
N GLU B 8 -10.62 7.24 -16.12
CA GLU B 8 -9.20 6.80 -16.08
C GLU B 8 -8.39 7.87 -16.82
N LEU B 9 -7.07 7.84 -16.63
CA LEU B 9 -6.16 8.69 -17.44
C LEU B 9 -5.69 7.90 -18.66
N SER B 10 -5.25 8.61 -19.70
CA SER B 10 -4.54 7.96 -20.84
C SER B 10 -3.09 7.72 -20.40
N ASN B 11 -2.84 6.67 -19.63
CA ASN B 11 -1.52 6.44 -19.01
C ASN B 11 -0.61 5.80 -20.02
N PRO B 12 0.72 5.97 -19.89
CA PRO B 12 1.31 6.94 -18.95
C PRO B 12 1.28 8.37 -19.51
N VAL B 13 1.28 9.35 -18.59
CA VAL B 13 1.24 10.80 -18.93
C VAL B 13 2.67 11.29 -19.16
N THR B 14 2.79 12.43 -19.84
CA THR B 14 4.10 13.02 -20.21
C THR B 14 4.49 14.13 -19.25
N SER B 15 5.68 14.02 -18.63
CA SER B 15 6.23 15.00 -17.67
C SER B 15 6.18 16.40 -18.28
N GLY B 16 5.82 17.38 -17.47
CA GLY B 16 5.77 18.80 -17.88
C GLY B 16 4.49 19.19 -18.59
N GLU B 17 3.63 18.25 -18.97
CA GLU B 17 2.32 18.53 -19.59
C GLU B 17 1.26 18.70 -18.50
N SER B 18 0.14 19.34 -18.81
CA SER B 18 -1.00 19.46 -17.89
C SER B 18 -1.81 18.16 -17.96
N VAL B 19 -2.34 17.73 -16.83
CA VAL B 19 -3.20 16.54 -16.68
C VAL B 19 -4.53 17.00 -16.08
N SER B 20 -5.66 16.51 -16.58
CA SER B 20 -7.01 16.80 -16.02
C SER B 20 -7.61 15.49 -15.58
N ILE B 21 -8.01 15.41 -14.31
CA ILE B 21 -8.72 14.24 -13.77
C ILE B 21 -10.21 14.63 -13.59
N SER B 22 -11.09 13.79 -14.13
CA SER B 22 -12.54 14.05 -14.20
C SER B 22 -13.25 13.40 -13.01
N CYS B 23 -14.17 14.14 -12.40
CA CYS B 23 -15.08 13.65 -11.34
C CYS B 23 -16.50 14.13 -11.66
N ARG B 24 -17.47 13.22 -11.69
CA ARG B 24 -18.88 13.55 -11.97
C ARG B 24 -19.74 12.99 -10.86
N SER B 25 -20.82 13.72 -10.54
CA SER B 25 -21.75 13.35 -9.46
C SER B 25 -23.15 13.13 -10.06
N SER B 26 -23.93 12.27 -9.41
CA SER B 26 -25.33 11.98 -9.80
C SER B 26 -26.28 13.09 -9.33
N LYS B 27 -25.79 14.03 -8.51
CA LYS B 27 -26.60 15.14 -7.97
C LYS B 27 -25.68 16.34 -7.81
N SER B 28 -26.25 17.53 -7.83
CA SER B 28 -25.49 18.77 -7.60
C SER B 28 -24.76 18.69 -6.26
N LEU B 29 -23.51 19.16 -6.20
CA LEU B 29 -22.76 19.27 -4.92
C LEU B 29 -22.74 20.71 -4.40
N LEU B 30 -23.55 21.62 -5.00
CA LEU B 30 -23.74 23.02 -4.52
C LEU B 30 -24.65 23.02 -3.30
N TYR B 31 -24.21 23.65 -2.23
CA TYR B 31 -25.01 23.84 -0.98
C TYR B 31 -25.54 25.27 -0.93
N LYS B 32 -26.51 25.51 -0.04
CA LYS B 32 -27.25 26.80 0.08
C LYS B 32 -26.31 27.93 0.55
N ASP B 33 -25.12 27.62 1.05
CA ASP B 33 -24.12 28.64 1.44
C ASP B 33 -23.32 29.12 0.23
N GLY B 34 -23.56 28.61 -0.98
CA GLY B 34 -22.87 28.99 -2.22
C GLY B 34 -21.55 28.25 -2.44
N LYS B 35 -21.21 27.32 -1.54
CA LYS B 35 -19.99 26.48 -1.64
C LYS B 35 -20.36 25.11 -2.20
N THR B 36 -19.41 24.53 -2.93
CA THR B 36 -19.56 23.21 -3.57
C THR B 36 -18.68 22.21 -2.78
N TYR B 37 -19.32 21.20 -2.19
CA TYR B 37 -18.72 20.28 -1.19
C TYR B 37 -18.10 19.08 -1.89
N LEU B 38 -16.94 19.36 -2.48
CA LEU B 38 -16.11 18.36 -3.18
C LEU B 38 -14.65 18.49 -2.75
N ASN B 39 -14.06 17.36 -2.36
CA ASN B 39 -12.63 17.27 -2.01
C ASN B 39 -11.91 16.41 -3.03
N TRP B 40 -10.60 16.64 -3.15
CA TRP B 40 -9.63 15.85 -3.92
C TRP B 40 -8.49 15.39 -3.01
N PHE B 41 -8.12 14.13 -3.14
CA PHE B 41 -7.02 13.45 -2.41
C PHE B 41 -6.07 12.78 -3.38
N LEU B 42 -4.83 12.60 -2.91
CA LEU B 42 -3.81 11.76 -3.53
C LEU B 42 -3.49 10.67 -2.51
N GLN B 43 -3.47 9.41 -2.96
CA GLN B 43 -3.04 8.29 -2.08
C GLN B 43 -1.81 7.64 -2.73
N ARG B 44 -0.73 7.58 -1.97
CA ARG B 44 0.49 6.79 -2.31
C ARG B 44 0.44 5.42 -1.69
N PRO B 45 1.15 4.43 -2.29
CA PRO B 45 1.17 3.07 -1.75
C PRO B 45 1.63 3.02 -0.29
N GLY B 46 0.87 2.29 0.53
CA GLY B 46 1.16 2.08 1.96
C GLY B 46 0.82 3.29 2.81
N GLN B 47 0.24 4.35 2.24
CA GLN B 47 -0.05 5.60 2.98
C GLN B 47 -1.53 5.90 2.99
N SER B 48 -1.93 6.76 3.89
CA SER B 48 -3.31 7.25 3.91
C SER B 48 -3.44 8.29 2.79
N PRO B 49 -4.67 8.55 2.30
CA PRO B 49 -4.92 9.67 1.39
C PRO B 49 -4.47 10.99 2.02
N GLN B 50 -4.03 11.91 1.18
CA GLN B 50 -3.60 13.30 1.49
C GLN B 50 -4.60 14.26 0.82
N LEU B 51 -5.13 15.23 1.57
CA LEU B 51 -6.02 16.26 0.98
C LEU B 51 -5.21 17.16 0.05
N LEU B 52 -5.76 17.40 -1.15
CA LEU B 52 -5.17 18.34 -2.12
C LEU B 52 -6.03 19.61 -2.20
N ILE B 53 -7.34 19.41 -2.35
CA ILE B 53 -8.33 20.48 -2.66
C ILE B 53 -9.55 20.24 -1.79
N TYR B 54 -10.09 21.29 -1.15
CA TYR B 54 -11.38 21.18 -0.43
C TYR B 54 -12.33 22.26 -0.93
N LEU B 55 -13.63 22.03 -0.74
CA LEU B 55 -14.68 22.98 -1.21
C LEU B 55 -14.44 23.32 -2.68
N MET B 56 -14.16 22.30 -3.50
CA MET B 56 -14.06 22.30 -4.98
C MET B 56 -12.77 22.99 -5.44
N SER B 57 -12.33 24.12 -4.83
CA SER B 57 -11.21 24.90 -5.41
C SER B 57 -10.18 25.43 -4.40
N THR B 58 -10.31 25.20 -3.10
CA THR B 58 -9.34 25.73 -2.09
C THR B 58 -8.18 24.73 -1.99
N ARG B 59 -6.97 25.17 -2.28
CA ARG B 59 -5.79 24.27 -2.14
C ARG B 59 -5.46 24.08 -0.65
N ALA B 60 -5.19 22.85 -0.25
CA ALA B 60 -4.83 22.55 1.16
C ALA B 60 -3.43 23.11 1.46
N SER B 61 -3.18 23.43 2.73
CA SER B 61 -1.83 23.80 3.25
C SER B 61 -0.78 22.79 2.78
N GLY B 62 0.33 23.26 2.21
CA GLY B 62 1.50 22.38 1.97
C GLY B 62 1.41 21.70 0.61
N VAL B 63 0.31 21.90 -0.14
CA VAL B 63 0.15 21.27 -1.48
C VAL B 63 0.76 22.17 -2.55
N SER B 64 1.45 21.55 -3.52
CA SER B 64 2.06 22.26 -4.68
C SER B 64 1.00 23.15 -5.36
N ASP B 65 1.38 24.38 -5.72
CA ASP B 65 0.49 25.28 -6.51
C ASP B 65 0.32 24.80 -7.95
N ARG B 66 0.88 23.63 -8.31
CA ARG B 66 0.59 22.99 -9.62
C ARG B 66 -0.81 22.33 -9.60
N PHE B 67 -1.42 22.14 -8.41
CA PHE B 67 -2.72 21.46 -8.26
C PHE B 67 -3.81 22.52 -8.12
N SER B 68 -4.86 22.41 -8.92
CA SER B 68 -6.03 23.31 -8.78
C SER B 68 -7.32 22.51 -9.04
N GLY B 69 -8.43 22.95 -8.45
CA GLY B 69 -9.74 22.35 -8.67
C GLY B 69 -10.64 23.26 -9.44
N SER B 70 -11.47 22.67 -10.30
CA SER B 70 -12.51 23.43 -11.02
C SER B 70 -13.77 22.59 -11.18
N GLY B 71 -14.76 23.24 -11.75
CA GLY B 71 -16.03 22.58 -12.04
C GLY B 71 -17.23 23.40 -11.60
N SER B 72 -18.36 22.75 -11.65
CA SER B 72 -19.66 23.37 -11.35
C SER B 72 -20.71 22.28 -11.26
N GLY B 73 -21.47 22.24 -10.18
CA GLY B 73 -22.70 21.42 -10.08
C GLY B 73 -22.44 19.92 -9.98
N THR B 74 -22.27 19.24 -11.10
CA THR B 74 -22.10 17.76 -11.18
C THR B 74 -20.83 17.37 -11.93
N ASP B 75 -20.04 18.34 -12.39
CA ASP B 75 -18.89 18.05 -13.26
C ASP B 75 -17.67 18.84 -12.77
N PHE B 76 -16.61 18.11 -12.41
CA PHE B 76 -15.41 18.65 -11.72
C PHE B 76 -14.12 18.09 -12.34
N THR B 77 -13.04 18.86 -12.21
CA THR B 77 -11.69 18.48 -12.67
C THR B 77 -10.67 18.87 -11.61
N LEU B 78 -9.75 17.97 -11.36
CA LEU B 78 -8.47 18.32 -10.74
C LEU B 78 -7.49 18.57 -11.87
N GLU B 79 -6.90 19.77 -11.87
CA GLU B 79 -5.93 20.18 -12.90
C GLU B 79 -4.54 20.09 -12.28
N ILE B 80 -3.67 19.29 -12.88
CA ILE B 80 -2.23 19.22 -12.52
C ILE B 80 -1.40 19.93 -13.60
N SER B 81 -0.83 21.09 -13.29
CA SER B 81 0.11 21.80 -14.20
C SER B 81 1.45 21.08 -14.13
N ARG B 82 2.11 20.96 -15.25
CA ARG B 82 3.54 20.57 -15.30
C ARG B 82 3.71 19.28 -14.48
N VAL B 83 3.06 18.20 -14.92
CA VAL B 83 3.09 16.93 -14.15
C VAL B 83 4.54 16.48 -13.95
N LYS B 84 4.82 15.99 -12.75
CA LYS B 84 6.17 15.57 -12.32
C LYS B 84 6.16 14.10 -11.85
N ALA B 85 7.33 13.49 -11.80
CA ALA B 85 7.52 12.11 -11.30
C ALA B 85 6.84 11.93 -9.93
N GLU B 86 6.85 12.94 -9.04
CA GLU B 86 6.32 12.79 -7.67
C GLU B 86 4.79 12.74 -7.65
N ASP B 87 4.13 13.05 -8.76
CA ASP B 87 2.64 13.07 -8.82
C ASP B 87 2.02 11.67 -9.03
N VAL B 88 2.81 10.62 -9.20
CA VAL B 88 2.26 9.26 -9.39
C VAL B 88 1.52 8.81 -8.12
N GLY B 89 0.44 8.08 -8.32
CA GLY B 89 -0.39 7.57 -7.22
C GLY B 89 -1.83 7.53 -7.67
N VAL B 90 -2.74 7.43 -6.73
CA VAL B 90 -4.20 7.30 -7.03
C VAL B 90 -4.90 8.54 -6.50
N TYR B 91 -5.67 9.21 -7.37
CA TYR B 91 -6.38 10.48 -7.06
C TYR B 91 -7.85 10.12 -6.84
N TYR B 92 -8.40 10.57 -5.72
CA TYR B 92 -9.82 10.36 -5.33
C TYR B 92 -10.55 11.70 -5.26
N CYS B 93 -11.79 11.75 -5.72
CA CYS B 93 -12.70 12.85 -5.37
C CYS B 93 -13.74 12.31 -4.41
N GLN B 94 -14.35 13.23 -3.66
CA GLN B 94 -15.30 12.89 -2.59
C GLN B 94 -16.35 13.99 -2.50
N GLN B 95 -17.62 13.64 -2.35
CA GLN B 95 -18.68 14.63 -2.07
C GLN B 95 -19.05 14.59 -0.58
N LEU B 96 -19.30 15.76 0.00
CA LEU B 96 -19.70 15.94 1.41
C LEU B 96 -20.96 16.82 1.50
N VAL B 97 -21.72 16.96 0.43
CA VAL B 97 -22.93 17.84 0.45
C VAL B 97 -24.10 17.12 1.14
N GLU B 98 -24.15 15.79 1.08
CA GLU B 98 -25.28 14.96 1.54
C GLU B 98 -24.72 13.73 2.23
N TYR B 99 -25.38 13.25 3.29
CA TYR B 99 -25.05 11.93 3.85
C TYR B 99 -25.65 10.83 3.00
N PRO B 100 -24.98 9.67 2.82
CA PRO B 100 -23.63 9.45 3.32
C PRO B 100 -22.60 10.11 2.40
N TYR B 101 -21.46 10.56 2.93
CA TYR B 101 -20.33 11.04 2.10
C TYR B 101 -19.92 9.88 1.20
N THR B 102 -19.59 10.16 -0.07
CA THR B 102 -19.22 9.11 -1.04
C THR B 102 -17.97 9.57 -1.79
N PHE B 103 -17.15 8.58 -2.15
CA PHE B 103 -15.89 8.74 -2.90
C PHE B 103 -16.09 8.17 -4.29
N GLY B 104 -15.35 8.75 -5.25
CA GLY B 104 -15.11 8.11 -6.55
C GLY B 104 -14.19 6.92 -6.40
N GLY B 105 -14.06 6.13 -7.46
CA GLY B 105 -13.34 4.86 -7.45
C GLY B 105 -11.85 5.04 -7.61
N GLY B 106 -11.38 6.29 -7.79
CA GLY B 106 -9.92 6.54 -7.90
C GLY B 106 -9.44 6.54 -9.34
N THR B 107 -8.46 7.38 -9.62
CA THR B 107 -7.80 7.49 -10.93
C THR B 107 -6.29 7.34 -10.70
N LYS B 108 -5.70 6.26 -11.18
CA LYS B 108 -4.23 6.05 -11.00
C LYS B 108 -3.51 6.91 -12.03
N LEU B 109 -2.42 7.57 -11.62
CA LEU B 109 -1.56 8.32 -12.55
C LEU B 109 -0.19 7.64 -12.61
N GLU B 110 0.28 7.34 -13.83
CA GLU B 110 1.63 6.80 -14.11
C GLU B 110 2.27 7.75 -15.12
N ILE B 111 3.60 7.83 -15.09
CA ILE B 111 4.36 8.83 -15.90
C ILE B 111 5.35 8.11 -16.80
N LYS B 112 5.58 8.65 -17.99
CA LYS B 112 6.56 7.99 -18.89
C LYS B 112 7.96 8.40 -18.46
N ARG B 113 8.91 7.49 -18.53
CA ARG B 113 10.35 7.82 -18.36
C ARG B 113 11.15 7.08 -19.44
N ALA B 114 12.46 7.23 -19.42
CA ALA B 114 13.38 6.50 -20.31
C ALA B 114 13.31 5.01 -20.00
N ASP B 115 13.41 4.18 -21.02
CA ASP B 115 13.47 2.72 -20.79
C ASP B 115 14.65 2.39 -19.87
N ALA B 116 14.48 1.41 -19.00
CA ALA B 116 15.52 1.01 -18.03
C ALA B 116 15.45 -0.50 -17.90
N ALA B 117 16.56 -1.19 -18.11
CA ALA B 117 16.59 -2.67 -18.01
C ALA B 117 16.47 -3.06 -16.54
N PRO B 118 15.82 -4.20 -16.21
CA PRO B 118 15.75 -4.66 -14.83
C PRO B 118 17.14 -5.07 -14.34
N THR B 119 17.45 -4.83 -13.06
CA THR B 119 18.57 -5.48 -12.37
C THR B 119 18.03 -6.79 -11.82
N VAL B 120 18.56 -7.92 -12.28
CA VAL B 120 18.02 -9.27 -11.93
C VAL B 120 19.01 -9.90 -10.95
N SER B 121 18.51 -10.41 -9.81
CA SER B 121 19.30 -11.10 -8.76
C SER B 121 18.54 -12.36 -8.34
N ILE B 122 19.24 -13.50 -8.34
CA ILE B 122 18.64 -14.80 -7.93
C ILE B 122 19.29 -15.23 -6.62
N PHE B 123 18.49 -15.86 -5.76
CA PHE B 123 18.93 -16.34 -4.43
C PHE B 123 18.41 -17.75 -4.20
N PRO B 124 19.30 -18.70 -3.94
CA PRO B 124 18.89 -20.06 -3.59
C PRO B 124 18.26 -20.05 -2.21
N PRO B 125 17.56 -21.13 -1.85
CA PRO B 125 17.04 -21.30 -0.50
C PRO B 125 18.18 -21.16 0.49
N SER B 126 17.89 -20.51 1.61
CA SER B 126 18.82 -20.38 2.76
C SER B 126 18.98 -21.74 3.44
N SER B 127 20.15 -22.00 4.03
CA SER B 127 20.42 -23.14 4.96
C SER B 127 19.28 -23.23 5.95
N GLU B 128 18.92 -22.07 6.51
CA GLU B 128 17.88 -21.92 7.56
C GLU B 128 16.55 -22.44 7.05
N GLN B 129 16.13 -22.12 5.81
CA GLN B 129 14.78 -22.55 5.36
C GLN B 129 14.77 -24.08 5.12
N LEU B 130 15.87 -24.59 4.59
CA LEU B 130 15.90 -26.01 4.14
C LEU B 130 15.62 -26.92 5.35
N THR B 131 15.87 -26.44 6.57
CA THR B 131 15.65 -27.24 7.80
C THR B 131 14.16 -27.51 8.05
N SER B 132 13.26 -26.67 7.59
CA SER B 132 11.80 -26.78 7.83
C SER B 132 11.11 -27.49 6.63
N GLY B 133 11.85 -27.99 5.65
CA GLY B 133 11.28 -28.80 4.55
C GLY B 133 10.79 -27.95 3.39
N GLY B 134 11.09 -26.65 3.45
CA GLY B 134 10.76 -25.71 2.38
C GLY B 134 12.01 -25.22 1.69
N ALA B 135 11.82 -24.80 0.45
CA ALA B 135 12.91 -24.33 -0.42
C ALA B 135 12.30 -23.27 -1.33
N SER B 136 12.53 -22.01 -1.00
CA SER B 136 12.09 -20.87 -1.84
C SER B 136 13.29 -20.33 -2.61
N VAL B 137 13.14 -20.22 -3.92
CA VAL B 137 14.18 -19.61 -4.80
C VAL B 137 13.63 -18.24 -5.15
N VAL B 138 14.37 -17.17 -4.79
CA VAL B 138 13.83 -15.79 -4.94
C VAL B 138 14.57 -15.10 -6.06
N CYS B 139 13.83 -14.40 -6.89
CA CYS B 139 14.43 -13.58 -7.97
C CYS B 139 13.86 -12.18 -7.87
N PHE B 140 14.71 -11.17 -7.82
CA PHE B 140 14.24 -9.78 -7.89
C PHE B 140 14.55 -9.25 -9.28
N LEU B 141 13.59 -8.50 -9.79
CA LEU B 141 13.67 -7.79 -11.10
C LEU B 141 13.39 -6.33 -10.79
N ASN B 142 14.44 -5.57 -10.59
CA ASN B 142 14.34 -4.25 -9.90
C ASN B 142 14.61 -3.08 -10.85
N ASN B 143 13.82 -2.01 -10.66
CA ASN B 143 14.05 -0.67 -11.28
C ASN B 143 14.04 -0.77 -12.82
N PHE B 144 12.96 -1.24 -13.39
CA PHE B 144 12.83 -1.34 -14.86
C PHE B 144 11.73 -0.39 -15.36
N TYR B 145 11.76 -0.11 -16.67
CA TYR B 145 10.71 0.71 -17.32
C TYR B 145 10.78 0.36 -18.79
N PRO B 146 9.66 0.11 -19.51
CA PRO B 146 8.29 0.15 -19.01
C PRO B 146 7.89 -1.08 -18.17
N LYS B 147 6.66 -1.06 -17.67
CA LYS B 147 6.21 -2.06 -16.65
C LYS B 147 6.02 -3.44 -17.28
N ASP B 148 5.89 -3.49 -18.61
CA ASP B 148 5.70 -4.74 -19.39
C ASP B 148 6.92 -5.63 -19.23
N ILE B 149 6.73 -6.80 -18.61
CA ILE B 149 7.86 -7.74 -18.30
C ILE B 149 7.27 -9.14 -18.16
N ASN B 150 8.01 -10.16 -18.55
CA ASN B 150 7.55 -11.57 -18.39
C ASN B 150 8.66 -12.27 -17.65
N VAL B 151 8.37 -13.05 -16.61
CA VAL B 151 9.40 -13.81 -15.89
C VAL B 151 9.06 -15.27 -16.07
N LYS B 152 10.09 -16.05 -16.34
CA LYS B 152 10.00 -17.53 -16.49
C LYS B 152 11.02 -18.15 -15.54
N TRP B 153 10.64 -19.27 -14.96
CA TRP B 153 11.57 -20.15 -14.24
C TRP B 153 11.89 -21.41 -15.06
N LYS B 154 13.15 -21.83 -14.99
CA LYS B 154 13.60 -23.14 -15.52
C LYS B 154 14.29 -23.93 -14.43
N ILE B 155 13.96 -25.22 -14.37
CA ILE B 155 14.61 -26.21 -13.49
C ILE B 155 15.27 -27.22 -14.43
N ASP B 156 16.58 -27.35 -14.39
CA ASP B 156 17.32 -28.26 -15.29
C ASP B 156 16.86 -28.03 -16.72
N GLY B 157 16.60 -26.78 -17.11
CA GLY B 157 16.30 -26.42 -18.51
C GLY B 157 14.84 -26.49 -18.88
N SER B 158 13.96 -27.05 -18.04
CA SER B 158 12.50 -27.15 -18.31
C SER B 158 11.73 -26.05 -17.59
N GLU B 159 10.76 -25.44 -18.28
CA GLU B 159 9.98 -24.32 -17.71
C GLU B 159 9.07 -24.82 -16.59
N ARG B 160 9.03 -24.06 -15.51
CA ARG B 160 8.25 -24.37 -14.28
C ARG B 160 7.29 -23.22 -14.02
N GLN B 161 5.99 -23.50 -13.95
CA GLN B 161 4.95 -22.49 -13.65
C GLN B 161 4.34 -22.73 -12.27
N ASN B 162 4.12 -24.00 -11.92
CA ASN B 162 3.52 -24.41 -10.62
C ASN B 162 4.46 -23.97 -9.48
N GLY B 163 3.92 -23.31 -8.43
CA GLY B 163 4.68 -22.90 -7.24
C GLY B 163 5.33 -21.51 -7.41
N VAL B 164 5.07 -20.84 -8.52
CA VAL B 164 5.64 -19.46 -8.75
C VAL B 164 4.64 -18.43 -8.26
N LEU B 165 5.10 -17.50 -7.45
CA LEU B 165 4.26 -16.36 -7.01
C LEU B 165 5.04 -15.06 -7.26
N ASN B 166 4.32 -14.13 -7.86
CA ASN B 166 4.91 -12.82 -8.27
C ASN B 166 4.29 -11.72 -7.45
N SER B 167 5.09 -10.71 -7.14
CA SER B 167 4.59 -9.52 -6.46
C SER B 167 5.30 -8.33 -7.07
N TRP B 168 4.63 -7.19 -7.19
CA TRP B 168 5.29 -6.02 -7.80
C TRP B 168 4.84 -4.72 -7.15
N THR B 169 5.69 -3.71 -7.33
CA THR B 169 5.49 -2.36 -6.77
C THR B 169 4.73 -1.49 -7.77
N ASP B 170 4.04 -0.48 -7.26
CA ASP B 170 3.53 0.60 -8.12
C ASP B 170 4.74 1.46 -8.51
N GLN B 171 4.52 2.32 -9.51
CA GLN B 171 5.59 3.16 -10.05
C GLN B 171 6.21 4.00 -8.92
N ASP B 172 7.53 4.07 -8.89
CA ASP B 172 8.32 4.75 -7.85
C ASP B 172 8.18 6.26 -8.02
N SER B 173 7.90 7.01 -6.95
CA SER B 173 7.66 8.48 -7.07
C SER B 173 8.99 9.23 -7.28
N LYS B 174 10.15 8.60 -7.10
CA LYS B 174 11.46 9.26 -7.27
C LYS B 174 12.07 8.91 -8.63
N ASP B 175 12.14 7.62 -9.01
CA ASP B 175 12.86 7.27 -10.26
C ASP B 175 11.90 6.79 -11.34
N SER B 176 10.59 6.71 -11.08
CA SER B 176 9.56 6.39 -12.09
C SER B 176 9.73 4.97 -12.64
N THR B 177 10.41 4.09 -11.92
CA THR B 177 10.59 2.68 -12.31
C THR B 177 9.59 1.78 -11.59
N TYR B 178 9.57 0.54 -12.05
CA TYR B 178 8.80 -0.57 -11.43
C TYR B 178 9.78 -1.62 -10.93
N SER B 179 9.36 -2.40 -9.95
CA SER B 179 10.16 -3.54 -9.48
C SER B 179 9.25 -4.74 -9.21
N MET B 180 9.81 -5.94 -9.27
CA MET B 180 9.01 -7.17 -9.14
C MET B 180 9.80 -8.21 -8.39
N SER B 181 9.11 -9.02 -7.56
CA SER B 181 9.71 -10.23 -6.95
C SER B 181 9.02 -11.46 -7.56
N SER B 182 9.81 -12.45 -7.94
CA SER B 182 9.29 -13.76 -8.39
C SER B 182 9.88 -14.84 -7.47
N THR B 183 9.03 -15.64 -6.83
CA THR B 183 9.49 -16.67 -5.89
C THR B 183 8.93 -18.03 -6.32
N LEU B 184 9.85 -18.95 -6.57
CA LEU B 184 9.52 -20.37 -6.86
C LEU B 184 9.59 -21.12 -5.54
N THR B 185 8.46 -21.57 -5.02
CA THR B 185 8.48 -22.35 -3.76
C THR B 185 8.25 -23.83 -4.05
N LEU B 186 9.24 -24.62 -3.68
CA LEU B 186 9.31 -26.09 -3.81
C LEU B 186 9.34 -26.69 -2.42
N THR B 187 9.01 -27.96 -2.32
CA THR B 187 9.41 -28.71 -1.12
C THR B 187 10.91 -28.90 -1.17
N LYS B 188 11.55 -29.08 -0.04
CA LYS B 188 12.97 -29.48 -0.02
C LYS B 188 13.17 -30.77 -0.84
N ASP B 189 12.24 -31.73 -0.75
CA ASP B 189 12.36 -33.03 -1.48
C ASP B 189 12.56 -32.72 -2.97
N GLU B 190 11.70 -31.90 -3.55
CA GLU B 190 11.77 -31.62 -5.01
C GLU B 190 12.97 -30.73 -5.33
N TYR B 191 13.26 -29.75 -4.48
CA TYR B 191 14.45 -28.90 -4.69
C TYR B 191 15.73 -29.74 -4.81
N GLU B 192 15.91 -30.77 -3.96
CA GLU B 192 17.17 -31.54 -3.85
C GLU B 192 17.25 -32.62 -4.93
N ARG B 193 16.25 -32.73 -5.78
CA ARG B 193 16.26 -33.69 -6.91
C ARG B 193 16.70 -33.02 -8.20
N HIS B 194 16.99 -31.70 -8.18
CA HIS B 194 17.31 -30.94 -9.42
C HIS B 194 18.57 -30.16 -9.14
N ASN B 195 19.24 -29.72 -10.20
CA ASN B 195 20.54 -29.04 -10.02
C ASN B 195 20.43 -27.55 -10.40
N SER B 196 19.99 -27.24 -11.61
CA SER B 196 20.07 -25.88 -12.19
C SER B 196 18.76 -25.14 -11.99
N TYR B 197 18.81 -23.92 -11.44
CA TYR B 197 17.62 -23.07 -11.23
C TYR B 197 17.89 -21.75 -11.95
N THR B 198 16.96 -21.37 -12.80
CA THR B 198 17.11 -20.17 -13.64
C THR B 198 15.90 -19.27 -13.53
N CYS B 199 16.12 -17.96 -13.41
CA CYS B 199 15.04 -16.97 -13.56
C CYS B 199 15.40 -16.11 -14.78
N GLU B 200 14.42 -15.94 -15.65
CA GLU B 200 14.62 -15.30 -16.98
C GLU B 200 13.61 -14.17 -17.12
N ALA B 201 14.07 -12.97 -17.41
CA ALA B 201 13.20 -11.79 -17.60
C ALA B 201 13.20 -11.38 -19.08
N THR B 202 12.01 -11.27 -19.67
CA THR B 202 11.82 -10.76 -21.05
C THR B 202 11.39 -9.32 -20.90
N HIS B 203 12.16 -8.39 -21.45
CA HIS B 203 11.93 -6.94 -21.35
C HIS B 203 12.43 -6.30 -22.64
N LYS B 204 11.78 -5.24 -23.10
CA LYS B 204 12.12 -4.63 -24.41
C LYS B 204 13.55 -4.08 -24.45
N THR B 205 14.17 -3.84 -23.29
CA THR B 205 15.52 -3.26 -23.21
C THR B 205 16.59 -4.25 -23.65
N SER B 206 16.28 -5.54 -23.86
CA SER B 206 17.30 -6.55 -24.28
C SER B 206 16.68 -7.44 -25.36
N THR B 207 17.41 -7.70 -26.46
CA THR B 207 16.92 -8.66 -27.45
C THR B 207 16.68 -9.99 -26.75
N SER B 208 17.68 -10.49 -26.04
CA SER B 208 17.62 -11.81 -25.36
C SER B 208 17.02 -11.63 -23.98
N PRO B 209 16.36 -12.68 -23.46
CA PRO B 209 16.02 -12.72 -22.04
C PRO B 209 17.25 -12.44 -21.17
N ILE B 210 17.02 -11.73 -20.06
CA ILE B 210 18.04 -11.46 -19.02
C ILE B 210 17.92 -12.57 -17.99
N VAL B 211 18.97 -13.34 -17.80
CA VAL B 211 18.94 -14.65 -17.11
C VAL B 211 19.88 -14.59 -15.91
N LYS B 212 19.43 -15.05 -14.73
CA LYS B 212 20.33 -15.37 -13.61
C LYS B 212 20.08 -16.82 -13.22
N SER B 213 21.14 -17.52 -12.85
CA SER B 213 21.12 -18.99 -12.63
C SER B 213 21.97 -19.34 -11.44
N PHE B 214 21.69 -20.48 -10.83
CA PHE B 214 22.71 -21.14 -9.98
C PHE B 214 22.54 -22.65 -10.11
N ASN B 215 23.58 -23.38 -9.72
CA ASN B 215 23.63 -24.85 -9.64
C ASN B 215 23.69 -25.22 -8.15
N ARG B 216 22.78 -26.07 -7.71
CA ARG B 216 22.82 -26.63 -6.35
C ARG B 216 24.03 -27.58 -6.36
C1 RBR C . -22.95 19.70 9.52
C10 RBR C . -21.09 17.96 9.02
C11 RBR C . -20.56 20.46 9.62
C12 RBR C . -20.60 20.29 11.15
C13 RBR C . -22.04 20.50 11.71
C14 RBR C . -23.04 19.53 11.06
C15 RBR C . -24.49 19.68 11.58
C16 RBR C . -24.60 19.76 13.12
C17 RBR C . -23.63 20.79 13.70
C18 RBR C . -23.74 21.07 15.23
C19 RBR C . -22.94 22.27 15.71
C2 RBR C . -23.85 18.93 8.55
C21 RBR C . -21.43 22.08 15.44
C22 RBR C . -21.27 21.70 13.94
C23 RBR C . -22.13 20.52 13.33
C24 RBR C . -21.65 19.15 13.81
C3 RBR C . -23.33 19.40 7.16
C32 RBR C . -23.15 19.26 4.55
C33 RBR C . -23.31 20.74 4.52
C34 RBR C . -22.36 21.57 4.26
C35 RBR C . -23.21 17.05 6.00
C36 RBR C . -24.07 16.36 4.97
C37 RBR C . -25.28 17.12 5.11
C38 RBR C . -24.92 18.40 5.80
C4 RBR C . -21.82 19.76 7.43
C6 RBR C . -19.70 19.57 6.23
C7 RBR C . -18.96 18.60 5.36
C9 RBR C . -21.53 19.45 8.92
N31 RBR C . -23.34 18.55 5.89
O5 RBR C . -20.92 19.05 6.52
O8 RBR C . -19.30 20.65 6.61
N1 EPE D . 18.36 -3.11 -28.11
C2 EPE D . 17.19 -3.43 -28.94
C3 EPE D . 16.52 -2.16 -29.48
N4 EPE D . 16.31 -1.11 -28.44
C5 EPE D . 17.49 -0.94 -27.56
C6 EPE D . 17.91 -2.29 -26.98
C7 EPE D . 16.01 0.17 -29.12
C8 EPE D . 15.38 1.22 -28.20
O8 EPE D . 13.97 0.98 -28.02
C9 EPE D . 18.99 -4.37 -27.66
C10 EPE D . 20.15 -4.22 -26.69
S EPE D . 21.03 -5.68 -26.60
O1S EPE D . 20.16 -6.70 -26.07
O2S EPE D . 22.07 -5.46 -25.55
O3S EPE D . 21.72 -5.91 -27.95
#